data_3QLZ
#
_entry.id   3QLZ
#
_cell.length_a   42.607
_cell.length_b   42.607
_cell.length_c   230.236
_cell.angle_alpha   90.000
_cell.angle_beta   90.000
_cell.angle_gamma   90.000
#
_symmetry.space_group_name_H-M   'P 41'
#
loop_
_entity.id
_entity.type
_entity.pdbx_description
1 polymer 'Strain CBS138 chromosome J complete sequence'
2 non-polymer 'NADPH DIHYDRO-NICOTINAMIDE-ADENINE-DINUCLEOTIDE PHOSPHATE'
3 non-polymer 5-[3-(2,5-dimethoxyphenyl)prop-1-yn-1-yl]-6-propylpyrimidine-2,4-diamine
4 non-polymer 'MAGNESIUM ION'
5 water water
#
_entity_poly.entity_id   1
_entity_poly.type   'polypeptide(L)'
_entity_poly.pdbx_seq_one_letter_code
;MSKVPVVGIVAALLPEMGIGFQGNLPWRLAKEMKYFREVTTLTNDNSKQNVVIMGRKTWESIPQKFRPLPKRINVVVSRS
FDGELRKVEDGIYHSNSLRNCLTALQSSLANENKIERIYIIGGGEIYRQSMDLADHWLITKIMPLPETTIPQMDTFLQKQ
ELEQRFYDNSDKLVDFLPSSIQLEGRLTSQEWNGELVKGLPVQEKGYQFYFTLYTKKLEHHHHHHHH
;
_entity_poly.pdbx_strand_id   A,B
#
loop_
_chem_comp.id
_chem_comp.type
_chem_comp.name
_chem_comp.formula
MG non-polymer 'MAGNESIUM ION' 'Mg 2'
NDP non-polymer 'NADPH DIHYDRO-NICOTINAMIDE-ADENINE-DINUCLEOTIDE PHOSPHATE' 'C21 H30 N7 O17 P3'
QLZ non-polymer 5-[3-(2,5-dimethoxyphenyl)prop-1-yn-1-yl]-6-propylpyrimidine-2,4-diamine 'C18 H22 N4 O2'
#
# COMPACT_ATOMS: atom_id res chain seq x y z
N LYS A 3 0.43 -14.45 -10.22
CA LYS A 3 0.90 -15.07 -11.48
C LYS A 3 0.51 -14.24 -12.71
N VAL A 4 -0.64 -13.56 -12.63
CA VAL A 4 -1.07 -12.64 -13.69
C VAL A 4 -0.47 -11.24 -13.46
N PRO A 5 0.21 -10.67 -14.48
CA PRO A 5 0.78 -9.33 -14.31
C PRO A 5 -0.27 -8.28 -14.00
N VAL A 6 0.05 -7.40 -13.04
CA VAL A 6 -0.80 -6.25 -12.71
C VAL A 6 -0.17 -4.96 -13.25
N VAL A 7 -0.89 -4.28 -14.11
CA VAL A 7 -0.37 -3.13 -14.82
C VAL A 7 -1.28 -1.91 -14.60
N GLY A 8 -0.73 -0.86 -14.01
CA GLY A 8 -1.43 0.41 -13.96
C GLY A 8 -1.33 1.06 -15.31
N ILE A 9 -2.44 1.61 -15.79
CA ILE A 9 -2.41 2.34 -17.06
C ILE A 9 -3.12 3.68 -16.90
N VAL A 10 -2.47 4.73 -17.38
CA VAL A 10 -2.85 6.10 -17.04
C VAL A 10 -2.29 7.04 -18.09
N ALA A 11 -3.01 8.12 -18.35
CA ALA A 11 -2.50 9.23 -19.15
C ALA A 11 -2.32 10.46 -18.26
N ALA A 12 -1.11 11.02 -18.30
CA ALA A 12 -0.70 12.06 -17.35
C ALA A 12 0.00 13.22 -18.06
N LEU A 13 -0.36 14.44 -17.69
CA LEU A 13 0.25 15.63 -18.28
C LEU A 13 1.47 16.06 -17.46
N LEU A 14 2.61 16.11 -18.12
CA LEU A 14 3.84 16.59 -17.49
C LEU A 14 3.79 18.10 -17.30
N PRO A 15 4.57 18.62 -16.33
CA PRO A 15 5.49 17.82 -15.51
C PRO A 15 4.89 17.31 -14.18
N GLU A 16 3.71 17.82 -13.79
CA GLU A 16 3.10 17.42 -12.50
C GLU A 16 2.35 16.08 -12.56
N MET A 17 2.21 15.53 -13.77
CA MET A 17 1.46 14.28 -13.99
C MET A 17 -0.01 14.39 -13.55
N GLY A 18 -0.64 15.50 -13.94
CA GLY A 18 -2.07 15.69 -13.71
C GLY A 18 -2.88 14.74 -14.57
N ILE A 19 -3.98 14.21 -14.02
CA ILE A 19 -4.76 13.18 -14.72
C ILE A 19 -6.25 13.47 -14.85
N GLY A 20 -6.70 14.53 -14.19
CA GLY A 20 -8.14 14.78 -14.05
C GLY A 20 -8.49 16.16 -13.55
N PHE A 21 -9.74 16.57 -13.81
CA PHE A 21 -10.28 17.81 -13.28
C PHE A 21 -11.80 17.66 -13.12
N GLN A 22 -12.29 17.88 -11.91
CA GLN A 22 -13.73 17.89 -11.64
C GLN A 22 -14.41 16.60 -12.10
N GLY A 23 -13.75 15.46 -11.86
CA GLY A 23 -14.34 14.15 -12.13
C GLY A 23 -14.21 13.67 -13.57
N ASN A 24 -13.63 14.51 -14.43
CA ASN A 24 -13.40 14.17 -15.84
C ASN A 24 -11.94 14.29 -16.27
N LEU A 25 -11.64 13.77 -17.46
CA LEU A 25 -10.32 13.97 -18.08
C LEU A 25 -10.12 15.44 -18.47
N PRO A 26 -8.88 15.96 -18.38
CA PRO A 26 -8.60 17.37 -18.72
C PRO A 26 -8.46 17.62 -20.22
N TRP A 27 -8.55 16.56 -21.02
CA TRP A 27 -8.38 16.64 -22.47
C TRP A 27 -9.29 15.61 -23.12
N ARG A 28 -9.40 15.66 -24.44
CA ARG A 28 -10.09 14.63 -25.20
C ARG A 28 -9.27 14.26 -26.42
N LEU A 29 -8.55 13.15 -26.33
CA LEU A 29 -7.62 12.76 -27.37
C LEU A 29 -7.96 11.38 -27.91
N ALA A 30 -8.50 11.35 -29.13
CA ALA A 30 -9.02 10.12 -29.71
C ALA A 30 -7.93 9.07 -29.87
N LYS A 31 -6.71 9.52 -30.16
CA LYS A 31 -5.61 8.58 -30.39
C LYS A 31 -5.14 7.95 -29.08
N GLU A 32 -5.22 8.72 -28.01
CA GLU A 32 -4.89 8.22 -26.68
C GLU A 32 -5.98 7.24 -26.21
N MET A 33 -7.24 7.62 -26.42
CA MET A 33 -8.39 6.73 -26.20
C MET A 33 -8.26 5.40 -26.97
N LYS A 34 -7.89 5.49 -28.26
CA LYS A 34 -7.62 4.31 -29.09
C LYS A 34 -6.56 3.38 -28.50
N TYR A 35 -5.41 3.97 -28.11
CA TYR A 35 -4.34 3.22 -27.44
C TYR A 35 -4.87 2.48 -26.21
N PHE A 36 -5.56 3.22 -25.33
CA PHE A 36 -6.08 2.63 -24.09
C PHE A 36 -7.00 1.44 -24.40
N ARG A 37 -7.94 1.66 -25.31
CA ARG A 37 -8.86 0.62 -25.76
C ARG A 37 -8.11 -0.61 -26.26
N GLU A 38 -7.19 -0.40 -27.19
CA GLU A 38 -6.49 -1.53 -27.81
C GLU A 38 -5.60 -2.29 -26.82
N VAL A 39 -4.87 -1.56 -25.97
CA VAL A 39 -3.97 -2.21 -25.02
C VAL A 39 -4.77 -3.03 -24.01
N THR A 40 -5.85 -2.46 -23.48
CA THR A 40 -6.62 -3.14 -22.42
C THR A 40 -7.50 -4.27 -22.96
N THR A 41 -7.88 -4.16 -24.24
CA THR A 41 -8.75 -5.16 -24.86
C THR A 41 -7.95 -6.35 -25.37
N LEU A 42 -6.91 -6.06 -26.16
CA LEU A 42 -6.19 -7.07 -26.91
C LEU A 42 -5.37 -8.00 -26.00
N THR A 43 -5.31 -9.28 -26.39
CA THR A 43 -4.50 -10.27 -25.70
C THR A 43 -3.66 -11.03 -26.71
N ASN A 44 -2.53 -11.56 -26.26
CA ASN A 44 -1.75 -12.47 -27.09
C ASN A 44 -2.45 -13.82 -27.23
N ASP A 45 -3.13 -14.23 -26.17
CA ASP A 45 -3.89 -15.46 -26.19
C ASP A 45 -5.38 -15.18 -26.43
N ASN A 46 -5.87 -15.61 -27.61
CA ASN A 46 -7.24 -15.34 -28.08
C ASN A 46 -8.33 -15.85 -27.15
N SER A 47 -7.97 -16.79 -26.29
CA SER A 47 -8.94 -17.44 -25.41
C SER A 47 -9.05 -16.75 -24.06
N LYS A 48 -8.20 -15.75 -23.83
CA LYS A 48 -8.24 -14.96 -22.60
C LYS A 48 -8.84 -13.55 -22.80
N GLN A 49 -9.22 -12.94 -21.68
CA GLN A 49 -9.48 -11.49 -21.64
C GLN A 49 -8.59 -10.85 -20.58
N ASN A 50 -8.51 -9.52 -20.62
CA ASN A 50 -7.94 -8.76 -19.53
C ASN A 50 -9.01 -8.29 -18.56
N VAL A 51 -8.58 -8.00 -17.34
CA VAL A 51 -9.42 -7.30 -16.39
C VAL A 51 -9.09 -5.82 -16.42
N VAL A 52 -10.12 -4.99 -16.28
CA VAL A 52 -9.95 -3.58 -15.94
C VAL A 52 -10.60 -3.25 -14.59
N ILE A 53 -9.79 -2.83 -13.63
CA ILE A 53 -10.23 -2.50 -12.29
C ILE A 53 -10.25 -0.97 -12.15
N MET A 54 -11.35 -0.45 -11.63
CA MET A 54 -11.46 0.99 -11.44
C MET A 54 -12.18 1.37 -10.16
N GLY A 55 -11.88 2.57 -9.67
CA GLY A 55 -12.63 3.16 -8.57
C GLY A 55 -14.04 3.58 -8.99
N ARG A 56 -14.93 3.63 -8.01
CA ARG A 56 -16.31 4.00 -8.22
C ARG A 56 -16.41 5.31 -9.01
N LYS A 57 -15.60 6.29 -8.63
CA LYS A 57 -15.73 7.63 -9.23
C LYS A 57 -15.30 7.62 -10.72
N THR A 58 -14.29 6.82 -11.06
CA THR A 58 -13.91 6.67 -12.46
C THR A 58 -15.03 5.99 -13.27
N TRP A 59 -15.64 4.96 -12.69
CA TRP A 59 -16.77 4.28 -13.31
C TRP A 59 -17.90 5.26 -13.64
N GLU A 60 -18.28 6.05 -12.65
CA GLU A 60 -19.40 6.98 -12.81
C GLU A 60 -19.12 8.03 -13.88
N SER A 61 -17.85 8.20 -14.22
CA SER A 61 -17.45 9.22 -15.17
C SER A 61 -17.29 8.71 -16.61
N ILE A 62 -17.24 7.39 -16.80
CA ILE A 62 -17.29 6.82 -18.16
C ILE A 62 -18.69 7.03 -18.75
N PRO A 63 -18.76 7.54 -19.99
CA PRO A 63 -20.06 7.67 -20.67
C PRO A 63 -20.87 6.39 -20.60
N GLN A 64 -22.15 6.51 -20.26
CA GLN A 64 -22.98 5.34 -19.98
C GLN A 64 -23.16 4.40 -21.16
N LYS A 65 -23.08 4.93 -22.38
CA LYS A 65 -23.16 4.08 -23.56
C LYS A 65 -21.90 3.24 -23.74
N PHE A 66 -20.82 3.64 -23.07
CA PHE A 66 -19.50 3.02 -23.27
C PHE A 66 -19.14 2.05 -22.15
N ARG A 67 -19.98 1.94 -21.13
CA ARG A 67 -19.70 1.07 -19.98
C ARG A 67 -20.77 -0.02 -19.81
N PRO A 68 -20.35 -1.23 -19.39
CA PRO A 68 -18.97 -1.57 -19.06
C PRO A 68 -18.12 -1.61 -20.33
N LEU A 69 -16.82 -1.45 -20.15
CA LEU A 69 -15.89 -1.47 -21.27
C LEU A 69 -15.94 -2.82 -21.94
N PRO A 70 -16.36 -2.85 -23.24
CA PRO A 70 -16.52 -4.11 -23.98
C PRO A 70 -15.25 -4.97 -24.02
N LYS A 71 -15.46 -6.29 -23.94
CA LYS A 71 -14.45 -7.29 -24.24
C LYS A 71 -13.36 -7.37 -23.16
N ARG A 72 -13.66 -6.77 -22.02
CA ARG A 72 -12.79 -6.87 -20.84
C ARG A 72 -13.66 -7.12 -19.62
N ILE A 73 -13.13 -7.87 -18.66
CA ILE A 73 -13.80 -7.99 -17.37
C ILE A 73 -13.67 -6.70 -16.53
N ASN A 74 -14.82 -6.07 -16.24
CA ASN A 74 -14.84 -4.81 -15.49
C ASN A 74 -15.04 -5.11 -14.02
N VAL A 75 -14.20 -4.52 -13.17
CA VAL A 75 -14.39 -4.54 -11.73
C VAL A 75 -14.45 -3.11 -11.21
N VAL A 76 -15.48 -2.80 -10.45
CA VAL A 76 -15.61 -1.49 -9.83
C VAL A 76 -15.46 -1.66 -8.34
N VAL A 77 -14.58 -0.84 -7.74
CA VAL A 77 -14.39 -0.89 -6.31
C VAL A 77 -15.00 0.28 -5.56
N SER A 78 -15.73 -0.05 -4.51
CA SER A 78 -16.35 0.94 -3.64
C SER A 78 -16.43 0.35 -2.25
N ARG A 79 -16.14 1.17 -1.25
CA ARG A 79 -16.09 0.66 0.12
C ARG A 79 -17.48 0.31 0.62
N SER A 80 -18.50 0.78 -0.10
CA SER A 80 -19.89 0.47 0.23
C SER A 80 -20.42 -0.82 -0.42
N PHE A 81 -19.59 -1.47 -1.24
CA PHE A 81 -19.99 -2.75 -1.86
C PHE A 81 -19.88 -3.90 -0.85
N ASP A 82 -20.41 -5.06 -1.24
CA ASP A 82 -20.70 -6.14 -0.29
C ASP A 82 -19.52 -7.05 0.03
N GLY A 83 -18.72 -7.39 -0.97
CA GLY A 83 -17.66 -8.38 -0.80
C GLY A 83 -16.44 -8.16 -1.66
N GLU A 84 -15.55 -9.15 -1.66
CA GLU A 84 -14.24 -9.02 -2.31
C GLU A 84 -14.37 -9.03 -3.82
N LEU A 85 -15.36 -9.75 -4.34
CA LEU A 85 -15.49 -9.95 -5.78
C LEU A 85 -16.80 -10.63 -6.11
N ARG A 86 -17.75 -9.84 -6.55
CA ARG A 86 -19.12 -10.27 -6.69
C ARG A 86 -19.60 -9.87 -8.08
N LYS A 87 -20.15 -10.83 -8.82
CA LYS A 87 -20.81 -10.50 -10.06
C LYS A 87 -22.14 -9.80 -9.81
N VAL A 88 -22.31 -8.62 -10.38
CA VAL A 88 -23.56 -7.86 -10.23
C VAL A 88 -24.36 -7.73 -11.55
N GLU A 89 -23.67 -7.85 -12.68
CA GLU A 89 -24.32 -7.88 -14.00
C GLU A 89 -23.33 -8.41 -15.05
N ASP A 90 -23.84 -8.70 -16.24
CA ASP A 90 -22.98 -9.16 -17.31
C ASP A 90 -21.81 -8.19 -17.51
N GLY A 91 -20.60 -8.70 -17.30
CA GLY A 91 -19.39 -7.92 -17.56
C GLY A 91 -18.97 -7.05 -16.39
N ILE A 92 -19.78 -7.06 -15.32
CA ILE A 92 -19.54 -6.18 -14.18
C ILE A 92 -19.40 -6.95 -12.87
N TYR A 93 -18.21 -6.80 -12.25
CA TYR A 93 -17.99 -7.23 -10.86
C TYR A 93 -17.92 -6.03 -9.95
N HIS A 94 -18.41 -6.22 -8.72
CA HIS A 94 -18.19 -5.27 -7.64
C HIS A 94 -17.27 -5.83 -6.57
N SER A 95 -16.38 -4.98 -6.06
CA SER A 95 -15.53 -5.33 -4.91
C SER A 95 -15.48 -4.19 -3.89
N ASN A 96 -15.44 -4.55 -2.61
CA ASN A 96 -15.25 -3.57 -1.56
C ASN A 96 -13.79 -3.41 -1.16
N SER A 97 -12.87 -3.95 -1.97
CA SER A 97 -11.44 -3.92 -1.64
C SER A 97 -10.56 -4.11 -2.87
N LEU A 98 -9.80 -3.07 -3.23
CA LEU A 98 -8.82 -3.19 -4.30
C LEU A 98 -7.89 -4.40 -4.07
N ARG A 99 -7.33 -4.49 -2.86
CA ARG A 99 -6.34 -5.53 -2.54
C ARG A 99 -6.93 -6.94 -2.56
N ASN A 100 -8.10 -7.10 -1.97
CA ASN A 100 -8.73 -8.42 -1.90
C ASN A 100 -9.29 -8.85 -3.26
N CYS A 101 -9.75 -7.90 -4.04
CA CYS A 101 -10.13 -8.24 -5.40
C CYS A 101 -8.97 -8.73 -6.26
N LEU A 102 -7.79 -8.12 -6.13
CA LEU A 102 -6.60 -8.63 -6.81
C LEU A 102 -6.25 -10.07 -6.40
N THR A 103 -6.30 -10.35 -5.10
CA THR A 103 -6.04 -11.71 -4.62
C THR A 103 -7.03 -12.70 -5.21
N ALA A 104 -8.31 -12.31 -5.24
CA ALA A 104 -9.37 -13.16 -5.75
C ALA A 104 -9.18 -13.39 -7.25
N LEU A 105 -8.85 -12.33 -7.99
CA LEU A 105 -8.64 -12.45 -9.43
C LEU A 105 -7.47 -13.35 -9.76
N GLN A 106 -6.50 -13.41 -8.86
CA GLN A 106 -5.28 -14.18 -9.07
C GLN A 106 -5.43 -15.70 -8.84
N SER A 107 -6.51 -16.11 -8.19
CA SER A 107 -6.73 -17.56 -7.97
C SER A 107 -6.96 -18.30 -9.29
N SER A 108 -6.07 -19.24 -9.60
CA SER A 108 -6.19 -20.08 -10.80
C SER A 108 -7.50 -20.86 -10.75
N LEU A 109 -7.97 -21.13 -9.54
CA LEU A 109 -9.20 -21.87 -9.35
C LEU A 109 -10.39 -21.03 -9.83
N ALA A 110 -10.41 -19.76 -9.43
CA ALA A 110 -11.49 -18.86 -9.81
C ALA A 110 -11.37 -18.45 -11.28
N ASN A 111 -10.14 -18.24 -11.75
CA ASN A 111 -9.90 -17.55 -13.02
C ASN A 111 -9.56 -18.49 -14.18
N GLU A 112 -9.35 -19.78 -13.87
CA GLU A 112 -9.18 -20.82 -14.88
C GLU A 112 -8.00 -20.53 -15.80
N ASN A 113 -7.06 -19.74 -15.30
CA ASN A 113 -5.99 -19.20 -16.10
C ASN A 113 -6.45 -18.60 -17.46
N LYS A 114 -7.62 -17.96 -17.47
CA LYS A 114 -8.13 -17.31 -18.68
C LYS A 114 -8.14 -15.78 -18.59
N ILE A 115 -7.43 -15.24 -17.60
CA ILE A 115 -7.10 -13.82 -17.58
C ILE A 115 -5.64 -13.64 -17.96
N GLU A 116 -5.37 -12.76 -18.92
CA GLU A 116 -3.99 -12.54 -19.34
C GLU A 116 -3.30 -11.47 -18.52
N ARG A 117 -3.92 -10.29 -18.45
CA ARG A 117 -3.44 -9.20 -17.58
C ARG A 117 -4.56 -8.54 -16.80
N ILE A 118 -4.19 -7.97 -15.66
CA ILE A 118 -5.07 -7.12 -14.89
C ILE A 118 -4.58 -5.67 -15.01
N TYR A 119 -5.37 -4.83 -15.66
CA TYR A 119 -5.07 -3.41 -15.76
C TYR A 119 -5.82 -2.64 -14.69
N ILE A 120 -5.09 -1.82 -13.96
CA ILE A 120 -5.68 -0.82 -13.08
C ILE A 120 -5.78 0.51 -13.83
N ILE A 121 -7.01 0.96 -14.08
CA ILE A 121 -7.29 2.01 -15.07
C ILE A 121 -7.80 3.28 -14.37
N GLY A 122 -7.63 3.33 -13.06
CA GLY A 122 -7.73 4.58 -12.34
C GLY A 122 -8.80 4.64 -11.28
N GLY A 123 -9.16 5.89 -10.99
CA GLY A 123 -8.95 6.52 -9.74
C GLY A 123 -7.56 7.12 -9.54
N GLY A 124 -7.49 8.44 -9.35
CA GLY A 124 -6.39 9.04 -8.56
C GLY A 124 -6.19 8.31 -7.24
N GLU A 125 -7.29 8.09 -6.52
CA GLU A 125 -7.24 7.43 -5.22
C GLU A 125 -6.79 5.97 -5.40
N ILE A 126 -7.28 5.35 -6.48
CA ILE A 126 -6.92 3.97 -6.83
C ILE A 126 -5.45 3.84 -7.22
N TYR A 127 -4.95 4.78 -8.03
CA TYR A 127 -3.50 4.81 -8.39
C TYR A 127 -2.60 4.95 -7.14
N ARG A 128 -2.97 5.84 -6.22
CA ARG A 128 -2.22 6.04 -4.99
C ARG A 128 -1.97 4.71 -4.26
N GLN A 129 -2.97 3.85 -4.27
CA GLN A 129 -2.91 2.58 -3.58
C GLN A 129 -2.25 1.49 -4.41
N SER A 130 -1.96 1.79 -5.67
CA SER A 130 -1.51 0.77 -6.60
C SER A 130 0.00 0.73 -6.79
N MET A 131 0.71 1.73 -6.27
CA MET A 131 2.17 1.76 -6.42
C MET A 131 2.81 0.48 -5.90
N ASP A 132 2.25 -0.08 -4.84
CA ASP A 132 2.82 -1.28 -4.25
C ASP A 132 2.21 -2.56 -4.78
N LEU A 133 1.32 -2.43 -5.74
CA LEU A 133 0.56 -3.57 -6.23
C LEU A 133 0.95 -3.87 -7.68
N ALA A 134 1.29 -2.82 -8.43
CA ALA A 134 1.52 -2.92 -9.87
C ALA A 134 2.89 -3.50 -10.17
N ASP A 135 2.97 -4.35 -11.18
CA ASP A 135 4.25 -4.85 -11.65
C ASP A 135 4.87 -3.87 -12.65
N HIS A 136 4.00 -3.20 -13.40
CA HIS A 136 4.43 -2.21 -14.41
C HIS A 136 3.44 -1.03 -14.40
N TRP A 137 3.83 0.05 -15.06
CA TRP A 137 2.90 1.14 -15.41
C TRP A 137 3.03 1.42 -16.91
N LEU A 138 1.91 1.47 -17.62
CA LEU A 138 1.89 2.11 -18.94
C LEU A 138 1.41 3.54 -18.79
N ILE A 139 2.30 4.49 -19.03
CA ILE A 139 2.01 5.90 -18.77
C ILE A 139 2.11 6.63 -20.10
N THR A 140 1.00 7.24 -20.51
CA THR A 140 1.05 8.19 -21.60
C THR A 140 1.43 9.57 -21.09
N LYS A 141 2.63 10.01 -21.45
CA LYS A 141 3.15 11.28 -20.96
C LYS A 141 2.75 12.39 -21.93
N ILE A 142 1.88 13.27 -21.48
CA ILE A 142 1.29 14.30 -22.34
C ILE A 142 1.97 15.68 -22.07
N MET A 143 2.31 16.38 -23.14
CA MET A 143 2.89 17.70 -23.06
C MET A 143 2.12 18.67 -23.97
N PRO A 144 1.69 19.82 -23.43
CA PRO A 144 1.10 20.84 -24.31
C PRO A 144 2.19 21.35 -25.25
N LEU A 145 1.86 21.47 -26.53
CA LEU A 145 2.75 22.10 -27.48
C LEU A 145 2.88 23.60 -27.12
N PRO A 146 3.97 24.25 -27.57
CA PRO A 146 4.28 25.61 -27.13
C PRO A 146 3.07 26.57 -27.16
N GLU A 147 2.23 26.44 -28.18
CA GLU A 147 1.05 27.31 -28.33
C GLU A 147 -0.08 27.02 -27.33
N THR A 148 0.04 25.92 -26.60
CA THR A 148 -1.11 25.28 -25.97
C THR A 148 -1.25 25.69 -24.52
N THR A 149 -2.44 26.17 -24.17
CA THR A 149 -2.80 26.41 -22.78
C THR A 149 -2.75 25.12 -21.93
N ILE A 150 -2.06 25.16 -20.80
CA ILE A 150 -2.09 24.04 -19.85
C ILE A 150 -3.48 23.94 -19.24
N PRO A 151 -4.12 22.76 -19.34
CA PRO A 151 -5.46 22.61 -18.76
C PRO A 151 -5.42 22.65 -17.23
N GLN A 152 -6.52 23.09 -16.61
CA GLN A 152 -6.61 23.05 -15.15
C GLN A 152 -6.77 21.61 -14.69
N MET A 153 -6.11 21.26 -13.58
CA MET A 153 -6.14 19.88 -13.07
C MET A 153 -6.18 19.85 -11.54
N ASP A 154 -6.79 18.81 -10.99
CA ASP A 154 -6.98 18.68 -9.54
C ASP A 154 -6.70 17.25 -9.05
N THR A 155 -6.22 16.39 -9.93
CA THR A 155 -5.90 15.02 -9.57
C THR A 155 -4.61 14.63 -10.26
N PHE A 156 -3.71 13.99 -9.52
CA PHE A 156 -2.34 13.80 -9.96
C PHE A 156 -1.84 12.40 -9.65
N LEU A 157 -1.04 11.85 -10.55
CA LEU A 157 -0.30 10.63 -10.28
C LEU A 157 0.86 10.94 -9.33
N GLN A 158 1.12 10.04 -8.40
CA GLN A 158 2.23 10.19 -7.47
C GLN A 158 3.58 9.89 -8.14
N LYS A 159 4.16 10.92 -8.74
CA LYS A 159 5.37 10.78 -9.53
C LYS A 159 6.54 10.39 -8.63
N GLN A 160 6.56 10.91 -7.40
CA GLN A 160 7.65 10.58 -6.45
C GLN A 160 7.67 9.08 -6.20
N GLU A 161 6.50 8.53 -5.85
CA GLU A 161 6.37 7.09 -5.57
C GLU A 161 6.69 6.24 -6.78
N LEU A 162 6.18 6.66 -7.94
CA LEU A 162 6.53 6.02 -9.21
C LEU A 162 8.04 5.86 -9.37
N GLU A 163 8.77 6.97 -9.29
CA GLU A 163 10.21 6.96 -9.56
C GLU A 163 11.05 6.30 -8.44
N GLN A 164 10.50 6.24 -7.23
CA GLN A 164 11.10 5.43 -6.17
C GLN A 164 11.13 3.95 -6.52
N ARG A 165 10.03 3.47 -7.11
CA ARG A 165 9.76 2.02 -7.17
C ARG A 165 10.04 1.45 -8.56
N PHE A 166 9.90 2.31 -9.58
CA PHE A 166 9.89 1.88 -10.99
C PHE A 166 10.95 2.65 -11.79
N TYR A 167 11.44 2.04 -12.85
CA TYR A 167 12.32 2.73 -13.79
C TYR A 167 11.70 2.81 -15.18
N ASP A 168 12.16 3.77 -15.96
CA ASP A 168 11.68 3.95 -17.32
C ASP A 168 12.17 2.80 -18.19
N ASN A 169 11.27 1.89 -18.54
CA ASN A 169 11.60 0.70 -19.33
C ASN A 169 11.04 0.80 -20.76
N SER A 170 10.91 2.02 -21.28
CA SER A 170 10.19 2.24 -22.53
C SER A 170 10.89 1.62 -23.75
N ASP A 171 12.18 1.34 -23.63
CA ASP A 171 12.91 0.51 -24.62
C ASP A 171 12.18 -0.79 -24.90
N LYS A 172 11.46 -1.30 -23.91
CA LYS A 172 10.78 -2.58 -24.03
C LYS A 172 9.27 -2.43 -24.27
N LEU A 173 8.80 -1.20 -24.51
CA LEU A 173 7.36 -0.98 -24.64
C LEU A 173 6.78 -1.86 -25.76
N VAL A 174 7.35 -1.74 -26.96
CA VAL A 174 6.85 -2.48 -28.11
C VAL A 174 6.72 -3.98 -27.83
N ASP A 175 7.77 -4.59 -27.29
CA ASP A 175 7.73 -6.00 -26.89
C ASP A 175 6.66 -6.30 -25.83
N PHE A 176 6.35 -5.32 -25.00
CA PHE A 176 5.48 -5.54 -23.83
C PHE A 176 4.01 -5.52 -24.25
N LEU A 177 3.68 -4.72 -25.26
CA LEU A 177 2.30 -4.57 -25.70
C LEU A 177 1.80 -5.81 -26.43
N PRO A 178 0.48 -6.03 -26.42
CA PRO A 178 -0.08 -7.19 -27.11
C PRO A 178 0.34 -7.22 -28.58
N SER A 179 0.61 -8.41 -29.10
CA SER A 179 1.36 -8.54 -30.35
C SER A 179 0.73 -7.81 -31.53
N SER A 180 -0.60 -7.73 -31.55
CA SER A 180 -1.32 -7.28 -32.74
C SER A 180 -1.58 -5.77 -32.77
N ILE A 181 -1.22 -5.09 -31.68
CA ILE A 181 -1.26 -3.63 -31.68
C ILE A 181 -0.23 -3.07 -32.66
N GLN A 182 -0.60 -2.02 -33.38
CA GLN A 182 0.35 -1.32 -34.26
C GLN A 182 0.46 0.16 -33.90
N LEU A 183 1.67 0.59 -33.57
CA LEU A 183 1.90 1.98 -33.15
C LEU A 183 2.53 2.80 -34.27
N GLU A 184 2.22 4.09 -34.29
CA GLU A 184 2.67 4.98 -35.36
C GLU A 184 4.14 5.40 -35.19
N GLY A 185 4.51 5.75 -33.97
CA GLY A 185 5.82 6.38 -33.73
C GLY A 185 6.97 5.39 -33.78
N ARG A 186 8.20 5.92 -33.77
CA ARG A 186 9.36 5.13 -33.39
C ARG A 186 9.87 5.56 -32.03
N LEU A 187 10.60 4.69 -31.36
CA LEU A 187 11.20 5.01 -30.07
C LEU A 187 12.00 6.31 -30.15
N THR A 188 11.70 7.25 -29.26
CA THR A 188 12.31 8.58 -29.28
C THR A 188 12.61 9.04 -27.87
N SER A 189 13.73 9.74 -27.71
CA SER A 189 14.10 10.36 -26.45
C SER A 189 14.19 11.88 -26.61
N GLN A 190 13.41 12.60 -25.82
CA GLN A 190 13.35 14.04 -25.91
C GLN A 190 13.40 14.67 -24.52
N GLU A 191 14.21 15.72 -24.38
CA GLU A 191 14.22 16.48 -23.14
C GLU A 191 13.06 17.45 -23.12
N TRP A 192 12.32 17.47 -22.02
CA TRP A 192 11.21 18.42 -21.88
C TRP A 192 11.10 18.96 -20.48
N ASN A 193 11.25 20.28 -20.37
CA ASN A 193 11.42 20.95 -19.09
C ASN A 193 12.30 20.19 -18.09
N GLY A 194 13.43 19.70 -18.59
CA GLY A 194 14.49 19.18 -17.73
C GLY A 194 14.26 17.75 -17.25
N GLU A 195 13.36 17.02 -17.91
CA GLU A 195 13.29 15.57 -17.74
C GLU A 195 13.36 14.83 -19.07
N LEU A 196 14.00 13.67 -19.05
CA LEU A 196 14.03 12.80 -20.20
C LEU A 196 12.67 12.13 -20.44
N VAL A 197 12.13 12.36 -21.63
CA VAL A 197 10.89 11.72 -22.04
C VAL A 197 11.19 10.73 -23.16
N LYS A 198 10.97 9.45 -22.87
CA LYS A 198 11.30 8.40 -23.80
C LYS A 198 10.09 7.51 -24.06
N GLY A 199 9.82 7.25 -25.33
CA GLY A 199 8.72 6.38 -25.71
C GLY A 199 8.33 6.59 -27.14
N LEU A 200 7.06 6.32 -27.42
CA LEU A 200 6.55 6.31 -28.78
C LEU A 200 5.60 7.47 -28.99
N PRO A 201 6.02 8.44 -29.84
CA PRO A 201 5.38 9.75 -29.87
C PRO A 201 4.15 9.83 -30.78
N VAL A 202 3.19 10.65 -30.38
CA VAL A 202 2.03 10.97 -31.18
C VAL A 202 1.72 12.46 -30.96
N GLN A 203 1.12 13.10 -31.95
CA GLN A 203 0.60 14.44 -31.78
C GLN A 203 -0.88 14.48 -32.11
N GLU A 204 -1.65 15.13 -31.25
CA GLU A 204 -3.06 15.34 -31.51
C GLU A 204 -3.58 16.60 -30.84
N LYS A 205 -4.37 17.36 -31.59
CA LYS A 205 -4.83 18.66 -31.18
C LYS A 205 -3.66 19.51 -30.63
N GLY A 206 -3.74 19.96 -29.40
CA GLY A 206 -2.72 20.89 -28.88
C GLY A 206 -1.50 20.22 -28.26
N TYR A 207 -1.47 18.89 -28.29
CA TYR A 207 -0.57 18.10 -27.42
C TYR A 207 0.35 17.19 -28.23
N GLN A 208 1.55 16.98 -27.71
CA GLN A 208 2.35 15.82 -28.05
C GLN A 208 2.35 14.84 -26.88
N PHE A 209 2.24 13.55 -27.16
CA PHE A 209 2.32 12.55 -26.09
C PHE A 209 3.13 11.31 -26.46
N TYR A 210 3.70 10.68 -25.44
CA TYR A 210 4.60 9.52 -25.62
C TYR A 210 3.99 8.37 -24.87
N PHE A 211 3.91 7.21 -25.52
CA PHE A 211 3.56 5.99 -24.82
C PHE A 211 4.83 5.41 -24.18
N THR A 212 4.79 5.22 -22.87
CA THR A 212 5.96 4.79 -22.11
C THR A 212 5.61 3.59 -21.23
N LEU A 213 6.63 2.85 -20.84
CA LEU A 213 6.48 1.70 -19.95
C LEU A 213 7.43 1.86 -18.76
N TYR A 214 6.89 1.73 -17.56
CA TYR A 214 7.69 1.69 -16.35
C TYR A 214 7.61 0.30 -15.73
N THR A 215 8.74 -0.19 -15.24
CA THR A 215 8.84 -1.54 -14.69
C THR A 215 9.48 -1.48 -13.30
N LYS A 216 9.09 -2.40 -12.42
CA LYS A 216 9.67 -2.40 -11.06
C LYS A 216 11.19 -2.52 -11.07
N LYS A 217 11.84 -1.70 -10.26
CA LYS A 217 13.29 -1.78 -10.07
C LYS A 217 13.65 -3.13 -9.42
N LEU A 218 14.87 -3.58 -9.65
CA LEU A 218 15.41 -4.80 -9.01
C LEU A 218 15.29 -4.65 -7.48
N GLU A 219 14.96 -5.75 -6.80
CA GLU A 219 14.91 -5.76 -5.35
C GLU A 219 16.01 -6.65 -4.77
N HIS A 220 16.66 -6.17 -3.71
CA HIS A 220 17.58 -7.01 -2.94
C HIS A 220 16.82 -8.17 -2.30
N HIS A 221 17.56 -9.25 -1.98
CA HIS A 221 16.96 -10.42 -1.34
C HIS A 221 17.22 -10.36 0.17
N HIS A 222 16.24 -9.84 0.91
CA HIS A 222 16.38 -9.67 2.35
C HIS A 222 15.80 -10.86 3.09
N HIS A 223 14.68 -11.38 2.60
CA HIS A 223 14.02 -12.49 3.25
C HIS A 223 13.12 -13.25 2.30
N HIS A 224 13.16 -14.58 2.40
CA HIS A 224 12.19 -15.45 1.74
C HIS A 224 11.55 -16.33 2.80
N HIS A 225 10.23 -16.37 2.84
CA HIS A 225 9.51 -17.07 3.90
C HIS A 225 9.78 -18.56 3.85
N HIS A 226 10.19 -19.14 4.97
CA HIS A 226 10.40 -20.59 5.08
C HIS A 226 9.51 -21.23 6.15
N HIS A 227 9.04 -22.43 5.88
CA HIS A 227 8.16 -23.13 6.80
C HIS A 227 8.94 -23.85 7.91
N LYS B 3 1.16 14.59 9.94
CA LYS B 3 1.93 15.33 10.98
C LYS B 3 2.17 14.47 12.22
N VAL B 4 1.22 13.59 12.51
CA VAL B 4 1.33 12.66 13.63
C VAL B 4 2.10 11.40 13.16
N PRO B 5 3.18 11.04 13.87
CA PRO B 5 3.90 9.80 13.47
C PRO B 5 3.02 8.56 13.48
N VAL B 6 3.14 7.74 12.44
CA VAL B 6 2.49 6.42 12.39
C VAL B 6 3.51 5.31 12.64
N VAL B 7 3.27 4.51 13.67
CA VAL B 7 4.23 3.51 14.12
C VAL B 7 3.57 2.13 14.20
N GLY B 8 4.06 1.19 13.39
CA GLY B 8 3.65 -0.19 13.56
C GLY B 8 4.32 -0.76 14.79
N ILE B 9 3.59 -1.49 15.60
CA ILE B 9 4.21 -2.14 16.74
C ILE B 9 3.77 -3.61 16.80
N VAL B 10 4.74 -4.49 16.97
CA VAL B 10 4.53 -5.91 16.75
C VAL B 10 5.59 -6.70 17.50
N ALA B 11 5.23 -7.90 17.95
CA ALA B 11 6.19 -8.84 18.49
C ALA B 11 6.29 -10.04 17.55
N ALA B 12 7.51 -10.36 17.15
CA ALA B 12 7.76 -11.33 16.07
C ALA B 12 8.88 -12.31 16.44
N LEU B 13 8.65 -13.58 16.16
CA LEU B 13 9.63 -14.63 16.44
C LEU B 13 10.55 -14.86 15.25
N LEU B 14 11.85 -14.67 15.47
CA LEU B 14 12.84 -14.89 14.41
C LEU B 14 13.01 -16.39 14.20
N PRO B 15 13.49 -16.80 13.00
CA PRO B 15 13.90 -15.87 11.93
C PRO B 15 12.79 -15.56 10.93
N GLU B 16 11.66 -16.26 11.00
CA GLU B 16 10.58 -16.03 10.02
C GLU B 16 9.67 -14.84 10.38
N MET B 17 9.88 -14.27 11.56
CA MET B 17 9.01 -13.22 12.09
C MET B 17 7.55 -13.65 12.17
N GLY B 18 7.32 -14.84 12.72
CA GLY B 18 5.96 -15.29 12.99
C GLY B 18 5.31 -14.46 14.10
N ILE B 19 4.01 -14.17 13.97
CA ILE B 19 3.33 -13.29 14.94
C ILE B 19 2.08 -13.90 15.57
N GLY B 20 1.62 -15.03 15.03
CA GLY B 20 0.32 -15.56 15.44
C GLY B 20 0.10 -17.01 15.08
N PHE B 21 -0.86 -17.63 15.74
CA PHE B 21 -1.31 -18.98 15.38
C PHE B 21 -2.78 -19.14 15.78
N GLN B 22 -3.60 -19.52 14.81
CA GLN B 22 -5.03 -19.82 15.05
C GLN B 22 -5.74 -18.67 15.77
N GLY B 23 -5.47 -17.44 15.34
CA GLY B 23 -6.17 -16.25 15.86
C GLY B 23 -5.66 -15.71 17.19
N ASN B 24 -4.63 -16.36 17.75
CA ASN B 24 -4.00 -15.93 19.01
C ASN B 24 -2.48 -15.74 18.91
N LEU B 25 -1.89 -15.13 19.93
CA LEU B 25 -0.42 -15.05 20.06
C LEU B 25 0.18 -16.45 20.32
N PRO B 26 1.38 -16.72 19.75
CA PRO B 26 2.04 -18.03 19.92
C PRO B 26 2.76 -18.20 21.27
N TRP B 27 2.73 -17.16 22.09
CA TRP B 27 3.41 -17.14 23.39
C TRP B 27 2.61 -16.28 24.36
N ARG B 28 3.00 -16.30 25.62
CA ARG B 28 2.43 -15.40 26.62
C ARG B 28 3.54 -14.82 27.48
N LEU B 29 3.94 -13.59 27.19
CA LEU B 29 5.11 -13.01 27.84
C LEU B 29 4.71 -11.71 28.51
N ALA B 30 4.64 -11.72 29.84
CA ALA B 30 4.10 -10.62 30.60
C ALA B 30 4.93 -9.37 30.41
N LYS B 31 6.25 -9.56 30.25
CA LYS B 31 7.15 -8.43 30.11
C LYS B 31 6.99 -7.75 28.75
N GLU B 32 6.69 -8.56 27.75
CA GLU B 32 6.43 -8.05 26.41
C GLU B 32 5.09 -7.32 26.40
N MET B 33 4.08 -7.94 26.99
CA MET B 33 2.78 -7.29 27.21
C MET B 33 2.91 -5.94 27.95
N LYS B 34 3.72 -5.91 29.01
CA LYS B 34 4.02 -4.67 29.76
C LYS B 34 4.61 -3.58 28.84
N TYR B 35 5.63 -3.95 28.06
CA TYR B 35 6.23 -3.03 27.09
C TYR B 35 5.15 -2.48 26.16
N PHE B 36 4.39 -3.37 25.55
CA PHE B 36 3.36 -2.94 24.59
C PHE B 36 2.41 -1.92 25.24
N ARG B 37 1.91 -2.28 26.42
CA ARG B 37 1.01 -1.41 27.18
C ARG B 37 1.64 -0.04 27.44
N GLU B 38 2.85 -0.04 27.98
CA GLU B 38 3.48 1.22 28.37
C GLU B 38 3.80 2.10 27.15
N VAL B 39 4.33 1.50 26.09
CA VAL B 39 4.67 2.29 24.90
C VAL B 39 3.42 2.89 24.25
N THR B 40 2.37 2.09 24.12
CA THR B 40 1.16 2.57 23.42
C THR B 40 0.32 3.53 24.29
N THR B 41 0.45 3.41 25.60
CA THR B 41 -0.30 4.26 26.53
C THR B 41 0.38 5.60 26.75
N LEU B 42 1.65 5.54 27.14
CA LEU B 42 2.39 6.71 27.59
C LEU B 42 2.63 7.74 26.48
N THR B 43 2.56 9.01 26.86
CA THR B 43 2.88 10.11 25.97
C THR B 43 3.88 11.03 26.65
N ASN B 44 4.63 11.79 25.85
CA ASN B 44 5.44 12.85 26.40
C ASN B 44 4.60 14.03 26.84
N ASP B 45 3.55 14.30 26.08
CA ASP B 45 2.62 15.36 26.43
C ASP B 45 1.40 14.78 27.17
N ASN B 46 1.27 15.16 28.45
CA ASN B 46 0.23 14.65 29.37
C ASN B 46 -1.18 14.88 28.89
N SER B 47 -1.35 15.82 27.96
CA SER B 47 -2.68 16.24 27.53
C SER B 47 -3.12 15.52 26.27
N LYS B 48 -2.22 14.71 25.71
CA LYS B 48 -2.54 13.88 24.53
C LYS B 48 -2.73 12.40 24.89
N GLN B 49 -3.37 11.67 23.98
CA GLN B 49 -3.35 10.21 23.99
C GLN B 49 -2.79 9.70 22.67
N ASN B 50 -2.45 8.41 22.63
CA ASN B 50 -2.15 7.76 21.38
C ASN B 50 -3.36 7.04 20.83
N VAL B 51 -3.31 6.76 19.52
CA VAL B 51 -4.30 5.92 18.91
C VAL B 51 -3.72 4.52 18.76
N VAL B 52 -4.56 3.51 18.97
CA VAL B 52 -4.26 2.14 18.54
C VAL B 52 -5.27 1.67 17.49
N ILE B 53 -4.78 1.39 16.30
CA ILE B 53 -5.59 0.91 15.19
C ILE B 53 -5.35 -0.59 15.00
N MET B 54 -6.42 -1.34 14.87
CA MET B 54 -6.31 -2.80 14.69
C MET B 54 -7.35 -3.34 13.73
N GLY B 55 -7.03 -4.49 13.13
CA GLY B 55 -7.98 -5.24 12.33
C GLY B 55 -9.03 -5.93 13.18
N ARG B 56 -10.19 -6.18 12.58
CA ARG B 56 -11.31 -6.80 13.26
C ARG B 56 -10.87 -8.08 13.97
N LYS B 57 -10.07 -8.90 13.29
CA LYS B 57 -9.70 -10.21 13.84
C LYS B 57 -8.82 -10.07 15.09
N THR B 58 -7.94 -9.06 15.10
CA THR B 58 -7.13 -8.81 16.29
C THR B 58 -7.99 -8.34 17.46
N TRP B 59 -8.94 -7.43 17.18
CA TRP B 59 -9.91 -6.98 18.19
C TRP B 59 -10.63 -8.16 18.84
N GLU B 60 -11.16 -9.03 18.01
CA GLU B 60 -11.95 -10.16 18.50
C GLU B 60 -11.12 -11.09 19.37
N SER B 61 -9.80 -10.99 19.25
CA SER B 61 -8.91 -11.87 20.00
C SER B 61 -8.36 -11.27 21.29
N ILE B 62 -8.51 -9.96 21.49
CA ILE B 62 -8.19 -9.37 22.80
C ILE B 62 -9.23 -9.82 23.86
N PRO B 63 -8.76 -10.31 25.01
CA PRO B 63 -9.68 -10.67 26.10
C PRO B 63 -10.67 -9.55 26.39
N GLN B 64 -11.94 -9.91 26.53
CA GLN B 64 -13.04 -8.95 26.57
C GLN B 64 -12.99 -8.02 27.77
N LYS B 65 -12.38 -8.49 28.86
CA LYS B 65 -12.18 -7.64 30.02
C LYS B 65 -11.10 -6.59 29.78
N PHE B 66 -10.29 -6.79 28.74
CA PHE B 66 -9.12 -5.93 28.49
C PHE B 66 -9.37 -4.94 27.33
N ARG B 67 -10.52 -5.03 26.69
CA ARG B 67 -10.84 -4.15 25.57
C ARG B 67 -12.11 -3.31 25.81
N PRO B 68 -12.10 -2.04 25.34
CA PRO B 68 -11.01 -1.44 24.56
C PRO B 68 -9.79 -1.20 25.44
N LEU B 69 -8.62 -1.13 24.81
CA LEU B 69 -7.39 -0.89 25.54
C LEU B 69 -7.47 0.46 26.24
N PRO B 70 -7.39 0.45 27.59
CA PRO B 70 -7.52 1.67 28.39
C PRO B 70 -6.52 2.77 28.02
N LYS B 71 -6.99 4.02 28.10
CA LYS B 71 -6.16 5.22 28.01
C LYS B 71 -5.58 5.44 26.62
N ARG B 72 -6.15 4.75 25.64
CA ARG B 72 -5.81 4.97 24.22
C ARG B 72 -7.08 5.01 23.40
N ILE B 73 -7.07 5.82 22.35
CA ILE B 73 -8.16 5.78 21.37
C ILE B 73 -8.08 4.52 20.50
N ASN B 74 -9.09 3.65 20.61
CA ASN B 74 -9.12 2.38 19.86
C ASN B 74 -9.87 2.56 18.55
N VAL B 75 -9.26 2.13 17.46
CA VAL B 75 -9.93 2.07 16.18
C VAL B 75 -9.89 0.65 15.66
N VAL B 76 -11.05 0.10 15.35
CA VAL B 76 -11.15 -1.22 14.73
C VAL B 76 -11.58 -1.07 13.29
N VAL B 77 -10.84 -1.71 12.39
CA VAL B 77 -11.16 -1.65 10.98
C VAL B 77 -11.76 -2.94 10.44
N SER B 78 -12.87 -2.79 9.74
CA SER B 78 -13.56 -3.92 9.11
C SER B 78 -14.23 -3.42 7.84
N ARG B 79 -14.14 -4.21 6.78
CA ARG B 79 -14.67 -3.75 5.50
C ARG B 79 -16.18 -3.70 5.51
N SER B 80 -16.76 -4.30 6.56
CA SER B 80 -18.21 -4.31 6.74
C SER B 80 -18.74 -3.13 7.57
N PHE B 81 -17.83 -2.28 8.05
CA PHE B 81 -18.24 -1.10 8.82
C PHE B 81 -18.72 0.02 7.90
N ASP B 82 -19.28 1.07 8.49
CA ASP B 82 -20.07 2.05 7.73
C ASP B 82 -19.28 3.17 7.06
N GLY B 83 -18.25 3.67 7.73
CA GLY B 83 -17.53 4.84 7.23
C GLY B 83 -16.06 4.88 7.57
N GLU B 84 -15.43 6.02 7.33
CA GLU B 84 -14.00 6.16 7.45
C GLU B 84 -13.57 6.19 8.91
N LEU B 85 -14.44 6.71 9.77
CA LEU B 85 -14.12 6.91 11.17
C LEU B 85 -15.35 7.34 11.96
N ARG B 86 -15.96 6.38 12.63
CA ARG B 86 -17.22 6.59 13.32
C ARG B 86 -17.07 6.17 14.76
N LYS B 87 -17.53 7.02 15.69
CA LYS B 87 -17.61 6.62 17.07
C LYS B 87 -18.79 5.67 17.28
N VAL B 88 -18.50 4.50 17.84
CA VAL B 88 -19.55 3.51 18.11
C VAL B 88 -19.79 3.25 19.60
N GLU B 89 -18.79 3.55 20.43
CA GLU B 89 -18.93 3.50 21.89
C GLU B 89 -17.78 4.27 22.54
N ASP B 90 -17.88 4.47 23.84
CA ASP B 90 -16.80 5.10 24.57
C ASP B 90 -15.47 4.40 24.30
N GLY B 91 -14.54 5.14 23.68
CA GLY B 91 -13.19 4.66 23.48
C GLY B 91 -13.04 3.82 22.23
N ILE B 92 -14.15 3.63 21.51
CA ILE B 92 -14.16 2.77 20.32
C ILE B 92 -14.63 3.50 19.07
N TYR B 93 -13.75 3.56 18.07
CA TYR B 93 -14.11 3.99 16.72
C TYR B 93 -14.11 2.82 15.78
N HIS B 94 -15.04 2.84 14.84
CA HIS B 94 -15.04 1.91 13.71
C HIS B 94 -14.68 2.60 12.39
N SER B 95 -13.87 1.92 11.59
CA SER B 95 -13.58 2.39 10.24
C SER B 95 -13.64 1.24 9.21
N ASN B 96 -14.14 1.54 8.01
CA ASN B 96 -14.12 0.57 6.93
C ASN B 96 -12.89 0.69 6.03
N SER B 97 -11.89 1.46 6.47
CA SER B 97 -10.66 1.67 5.66
C SER B 97 -9.47 2.07 6.51
N LEU B 98 -8.45 1.22 6.56
CA LEU B 98 -7.20 1.57 7.22
C LEU B 98 -6.67 2.91 6.71
N ARG B 99 -6.62 3.08 5.39
CA ARG B 99 -5.99 4.27 4.79
C ARG B 99 -6.79 5.55 5.06
N ASN B 100 -8.11 5.46 4.90
CA ASN B 100 -8.98 6.62 5.13
C ASN B 100 -9.08 6.98 6.60
N CYS B 101 -9.06 5.98 7.46
CA CYS B 101 -9.01 6.27 8.89
C CYS B 101 -7.73 7.03 9.32
N LEU B 102 -6.58 6.66 8.76
CA LEU B 102 -5.36 7.43 9.01
C LEU B 102 -5.45 8.89 8.54
N THR B 103 -5.96 9.10 7.33
CA THR B 103 -6.19 10.47 6.83
C THR B 103 -7.08 11.26 7.79
N ALA B 104 -8.15 10.62 8.25
CA ALA B 104 -9.12 11.27 9.13
C ALA B 104 -8.48 11.59 10.48
N LEU B 105 -7.71 10.65 11.01
CA LEU B 105 -7.04 10.86 12.30
C LEU B 105 -6.04 12.01 12.23
N GLN B 106 -5.46 12.21 11.03
CA GLN B 106 -4.41 13.19 10.84
C GLN B 106 -4.90 14.64 10.72
N SER B 107 -6.21 14.84 10.55
CA SER B 107 -6.78 16.20 10.46
C SER B 107 -6.67 16.93 11.79
N SER B 108 -5.92 18.03 11.80
CA SER B 108 -5.80 18.87 12.99
C SER B 108 -7.17 19.37 13.42
N LEU B 109 -8.08 19.50 12.46
CA LEU B 109 -9.41 19.97 12.74
C LEU B 109 -10.18 18.95 13.58
N ALA B 110 -10.08 17.68 13.18
CA ALA B 110 -10.77 16.60 13.89
C ALA B 110 -10.05 16.26 15.20
N ASN B 111 -8.72 16.33 15.18
CA ASN B 111 -7.93 15.74 16.27
C ASN B 111 -7.39 16.77 17.28
N GLU B 112 -7.56 18.05 16.97
CA GLU B 112 -7.25 19.15 17.89
C GLU B 112 -5.79 19.12 18.33
N ASN B 113 -4.96 18.53 17.48
CA ASN B 113 -3.58 18.23 17.84
C ASN B 113 -3.41 17.61 19.24
N LYS B 114 -4.36 16.77 19.66
CA LYS B 114 -4.27 16.07 20.94
C LYS B 114 -4.00 14.56 20.80
N ILE B 115 -3.58 14.12 19.61
CA ILE B 115 -3.02 12.78 19.43
C ILE B 115 -1.52 12.89 19.27
N GLU B 116 -0.76 12.12 20.04
CA GLU B 116 0.70 12.21 19.95
C GLU B 116 1.26 11.27 18.88
N ARG B 117 0.90 9.99 18.99
CA ARG B 117 1.22 9.00 17.96
C ARG B 117 0.04 8.12 17.60
N ILE B 118 0.09 7.57 16.39
CA ILE B 118 -0.82 6.54 15.97
C ILE B 118 -0.03 5.22 15.88
N TYR B 119 -0.40 4.26 16.72
CA TYR B 119 0.19 2.93 16.65
C TYR B 119 -0.72 1.99 15.88
N ILE B 120 -0.13 1.27 14.91
CA ILE B 120 -0.80 0.17 14.25
C ILE B 120 -0.39 -1.15 14.94
N ILE B 121 -1.36 -1.80 15.58
CA ILE B 121 -1.04 -2.84 16.57
C ILE B 121 -1.49 -4.22 16.07
N GLY B 122 -1.76 -4.30 14.77
CA GLY B 122 -1.85 -5.59 14.12
C GLY B 122 -3.19 -5.91 13.50
N GLY B 123 -3.38 -7.21 13.33
CA GLY B 123 -3.55 -7.84 12.07
C GLY B 123 -2.25 -8.14 11.34
N GLY B 124 -1.98 -9.42 11.07
CA GLY B 124 -1.10 -9.80 9.95
C GLY B 124 -1.53 -9.11 8.65
N GLU B 125 -2.83 -9.13 8.38
CA GLU B 125 -3.38 -8.52 7.17
C GLU B 125 -3.20 -6.99 7.22
N ILE B 126 -3.40 -6.43 8.41
CA ILE B 126 -3.21 -5.00 8.66
C ILE B 126 -1.74 -4.58 8.50
N TYR B 127 -0.82 -5.39 9.05
CA TYR B 127 0.63 -5.12 8.90
C TYR B 127 1.09 -5.11 7.43
N ARG B 128 0.61 -6.09 6.67
CA ARG B 128 0.88 -6.17 5.24
C ARG B 128 0.62 -4.83 4.55
N GLN B 129 -0.50 -4.21 4.90
CA GLN B 129 -0.92 -2.96 4.28
C GLN B 129 -0.22 -1.74 4.87
N SER B 130 0.54 -1.93 5.93
CA SER B 130 1.06 -0.79 6.68
C SER B 130 2.50 -0.46 6.33
N MET B 131 3.14 -1.30 5.53
CA MET B 131 4.56 -1.09 5.20
C MET B 131 4.75 0.26 4.51
N ASP B 132 3.74 0.67 3.75
CA ASP B 132 3.83 1.94 3.02
C ASP B 132 3.20 3.10 3.79
N LEU B 133 2.75 2.82 5.01
CA LEU B 133 2.00 3.80 5.77
C LEU B 133 2.80 4.21 6.99
N ALA B 134 3.60 3.29 7.53
CA ALA B 134 4.29 3.50 8.80
C ALA B 134 5.54 4.35 8.63
N ASP B 135 5.79 5.24 9.58
CA ASP B 135 7.04 5.99 9.61
C ASP B 135 8.14 5.19 10.30
N HIS B 136 7.75 4.37 11.28
CA HIS B 136 8.69 3.53 12.01
C HIS B 136 8.00 2.20 12.33
N TRP B 137 8.80 1.23 12.77
CA TRP B 137 8.26 0.00 13.37
C TRP B 137 8.97 -0.23 14.71
N LEU B 138 8.19 -0.43 15.76
CA LEU B 138 8.76 -1.01 16.99
C LEU B 138 8.54 -2.52 16.95
N ILE B 139 9.64 -3.27 16.81
CA ILE B 139 9.56 -4.71 16.65
C ILE B 139 10.26 -5.37 17.83
N THR B 140 9.50 -6.15 18.59
CA THR B 140 10.10 -7.06 19.55
C THR B 140 10.54 -8.35 18.87
N LYS B 141 11.86 -8.56 18.79
CA LYS B 141 12.40 -9.72 18.11
C LYS B 141 12.59 -10.85 19.12
N ILE B 142 11.79 -11.90 18.97
CA ILE B 142 11.76 -12.98 19.96
C ILE B 142 12.55 -14.21 19.42
N MET B 143 13.37 -14.79 20.29
CA MET B 143 14.14 -16.00 19.94
C MET B 143 13.92 -17.04 21.03
N PRO B 144 13.57 -18.27 20.62
CA PRO B 144 13.56 -19.37 21.61
C PRO B 144 14.98 -19.61 22.10
N LEU B 145 15.15 -19.72 23.41
CA LEU B 145 16.42 -20.14 23.97
C LEU B 145 16.70 -21.60 23.56
N PRO B 146 17.97 -22.04 23.60
CA PRO B 146 18.35 -23.32 23.02
C PRO B 146 17.46 -24.49 23.43
N GLU B 147 17.01 -24.48 24.69
CA GLU B 147 16.14 -25.56 25.20
C GLU B 147 14.69 -25.52 24.66
N THR B 148 14.34 -24.44 24.00
CA THR B 148 12.93 -24.08 23.82
C THR B 148 12.37 -24.57 22.50
N THR B 149 11.25 -25.28 22.56
CA THR B 149 10.50 -25.66 21.38
C THR B 149 10.01 -24.41 20.62
N ILE B 150 10.28 -24.33 19.32
CA ILE B 150 9.70 -23.28 18.49
C ILE B 150 8.19 -23.48 18.41
N PRO B 151 7.41 -22.45 18.77
CA PRO B 151 5.94 -22.59 18.67
C PRO B 151 5.46 -22.67 17.22
N GLN B 152 4.33 -23.33 17.01
CA GLN B 152 3.71 -23.35 15.69
C GLN B 152 3.13 -21.97 15.36
N MET B 153 3.25 -21.55 14.11
CA MET B 153 2.78 -20.22 13.68
C MET B 153 2.20 -20.26 12.27
N ASP B 154 1.23 -19.38 12.01
CA ASP B 154 0.56 -19.34 10.71
C ASP B 154 0.39 -17.90 10.19
N THR B 155 0.97 -16.93 10.89
CA THR B 155 0.86 -15.52 10.48
C THR B 155 2.21 -14.88 10.69
N PHE B 156 2.64 -14.09 9.70
CA PHE B 156 4.01 -13.64 9.67
C PHE B 156 4.10 -12.17 9.27
N LEU B 157 5.06 -11.46 9.84
CA LEU B 157 5.40 -10.12 9.38
C LEU B 157 6.17 -10.25 8.06
N GLN B 158 5.90 -9.34 7.12
CA GLN B 158 6.62 -9.31 5.84
C GLN B 158 8.03 -8.74 6.03
N LYS B 159 8.97 -9.62 6.38
CA LYS B 159 10.33 -9.20 6.67
C LYS B 159 11.00 -8.62 5.43
N GLN B 160 10.68 -9.15 4.24
CA GLN B 160 11.30 -8.67 3.00
C GLN B 160 10.95 -7.20 2.78
N GLU B 161 9.67 -6.89 2.90
CA GLU B 161 9.18 -5.52 2.73
C GLU B 161 9.74 -4.59 3.79
N LEU B 162 9.76 -5.06 5.03
CA LEU B 162 10.38 -4.32 6.13
C LEU B 162 11.80 -3.85 5.78
N GLU B 163 12.64 -4.80 5.39
CA GLU B 163 14.05 -4.50 5.15
C GLU B 163 14.31 -3.75 3.83
N GLN B 164 13.36 -3.83 2.90
CA GLN B 164 13.39 -2.97 1.71
C GLN B 164 13.25 -1.50 2.08
N ARG B 165 12.37 -1.21 3.03
CA ARG B 165 11.85 0.14 3.23
C ARG B 165 12.48 0.81 4.44
N PHE B 166 12.87 -0.01 5.42
CA PHE B 166 13.26 0.48 6.75
C PHE B 166 14.65 -0.05 7.10
N TYR B 167 15.36 0.67 7.95
CA TYR B 167 16.63 0.19 8.48
C TYR B 167 16.55 0.05 9.98
N ASP B 168 17.44 -0.77 10.54
CA ASP B 168 17.52 -0.97 11.99
C ASP B 168 18.08 0.26 12.69
N ASN B 169 17.20 0.99 13.37
CA ASN B 169 17.54 2.27 14.04
C ASN B 169 17.52 2.11 15.57
N SER B 170 17.83 0.91 16.05
CA SER B 170 17.64 0.58 17.45
C SER B 170 18.59 1.35 18.37
N ASP B 171 19.69 1.87 17.81
CA ASP B 171 20.54 2.88 18.49
C ASP B 171 19.72 4.03 19.06
N LYS B 172 18.60 4.36 18.41
CA LYS B 172 17.79 5.48 18.82
C LYS B 172 16.51 5.06 19.55
N LEU B 173 16.41 3.78 19.94
CA LEU B 173 15.18 3.28 20.55
C LEU B 173 14.85 4.05 21.84
N VAL B 174 15.82 4.12 22.75
CA VAL B 174 15.61 4.78 24.03
C VAL B 174 15.10 6.22 23.86
N ASP B 175 15.75 6.98 23.00
CA ASP B 175 15.31 8.33 22.69
C ASP B 175 13.90 8.38 22.09
N PHE B 176 13.52 7.33 21.36
CA PHE B 176 12.27 7.32 20.58
C PHE B 176 11.07 7.02 21.48
N LEU B 177 11.29 6.23 22.52
CA LEU B 177 10.21 5.83 23.41
C LEU B 177 9.79 6.98 24.31
N PRO B 178 8.54 6.95 24.80
CA PRO B 178 8.06 8.02 25.67
C PRO B 178 8.95 8.17 26.90
N SER B 179 9.12 9.39 27.37
CA SER B 179 10.22 9.73 28.27
C SER B 179 10.21 8.93 29.57
N SER B 180 9.02 8.56 30.03
CA SER B 180 8.86 8.03 31.40
C SER B 180 8.89 6.50 31.45
N ILE B 181 8.94 5.86 30.29
CA ILE B 181 9.20 4.43 30.23
C ILE B 181 10.60 4.14 30.75
N GLN B 182 10.73 3.05 31.51
CA GLN B 182 12.04 2.59 31.98
C GLN B 182 12.29 1.13 31.54
N LEU B 183 13.39 0.91 30.82
CA LEU B 183 13.72 -0.41 30.30
C LEU B 183 14.83 -1.05 31.12
N GLU B 184 14.82 -2.37 31.19
CA GLU B 184 15.78 -3.10 32.02
C GLU B 184 17.14 -3.23 31.33
N GLY B 185 17.14 -3.57 30.05
CA GLY B 185 18.37 -3.94 29.35
C GLY B 185 19.25 -2.74 29.00
N ARG B 186 20.45 -3.02 28.52
CA ARG B 186 21.24 -2.03 27.79
C ARG B 186 21.32 -2.41 26.32
N LEU B 187 21.55 -1.43 25.45
CA LEU B 187 21.74 -1.68 24.02
C LEU B 187 22.77 -2.80 23.78
N THR B 188 22.36 -3.80 23.01
CA THR B 188 23.20 -4.98 22.79
C THR B 188 23.07 -5.43 21.34
N SER B 189 24.18 -5.90 20.77
CA SER B 189 24.20 -6.49 19.44
C SER B 189 24.62 -7.96 19.51
N GLN B 190 23.76 -8.84 19.01
CA GLN B 190 24.02 -10.27 19.10
C GLN B 190 23.70 -10.93 17.76
N GLU B 191 24.61 -11.79 17.30
CA GLU B 191 24.35 -12.59 16.13
C GLU B 191 23.45 -13.76 16.48
N TRP B 192 22.39 -13.96 15.70
CA TRP B 192 21.51 -15.10 15.91
C TRP B 192 21.04 -15.70 14.60
N ASN B 193 21.37 -16.97 14.40
CA ASN B 193 21.19 -17.64 13.12
C ASN B 193 21.52 -16.75 11.91
N GLY B 194 22.64 -16.05 12.00
CA GLY B 194 23.21 -15.34 10.86
C GLY B 194 22.51 -14.03 10.52
N GLU B 195 21.80 -13.47 11.49
CA GLU B 195 21.40 -12.05 11.40
C GLU B 195 21.81 -11.27 12.64
N LEU B 196 22.15 -9.99 12.44
CA LEU B 196 22.42 -9.10 13.54
C LEU B 196 21.13 -8.71 14.26
N VAL B 197 21.09 -9.01 15.57
CA VAL B 197 19.97 -8.61 16.41
C VAL B 197 20.44 -7.54 17.38
N LYS B 198 19.91 -6.32 17.22
CA LYS B 198 20.32 -5.20 18.02
C LYS B 198 19.11 -4.56 18.71
N GLY B 199 19.25 -4.30 20.01
CA GLY B 199 18.20 -3.68 20.78
C GLY B 199 18.38 -3.90 22.25
N LEU B 200 17.28 -3.83 22.98
CA LEU B 200 17.30 -3.85 24.43
C LEU B 200 16.75 -5.19 24.90
N PRO B 201 17.62 -6.03 25.52
CA PRO B 201 17.27 -7.42 25.75
C PRO B 201 16.45 -7.69 27.01
N VAL B 202 15.64 -8.73 26.94
CA VAL B 202 14.91 -9.26 28.09
C VAL B 202 14.84 -10.78 27.93
N GLN B 203 14.77 -11.49 29.05
CA GLN B 203 14.48 -12.92 29.03
C GLN B 203 13.25 -13.21 29.86
N GLU B 204 12.38 -14.06 29.32
CA GLU B 204 11.20 -14.50 30.03
C GLU B 204 10.73 -15.85 29.53
N LYS B 205 10.39 -16.70 30.49
CA LYS B 205 10.10 -18.09 30.23
C LYS B 205 11.15 -18.68 29.28
N GLY B 206 10.73 -19.22 28.14
CA GLY B 206 11.67 -19.97 27.29
C GLY B 206 12.43 -19.11 26.28
N TYR B 207 12.21 -17.79 26.33
CA TYR B 207 12.57 -16.89 25.23
C TYR B 207 13.53 -15.78 25.68
N GLN B 208 14.41 -15.38 24.78
CA GLN B 208 15.04 -14.07 24.85
C GLN B 208 14.44 -13.16 23.79
N PHE B 209 14.20 -11.90 24.15
CA PHE B 209 13.70 -10.95 23.17
C PHE B 209 14.34 -9.55 23.27
N TYR B 210 14.38 -8.86 22.13
CA TYR B 210 15.02 -7.55 22.03
C TYR B 210 13.97 -6.55 21.56
N PHE B 211 13.86 -5.43 22.26
CA PHE B 211 13.09 -4.32 21.75
C PHE B 211 13.92 -3.53 20.75
N THR B 212 13.41 -3.41 19.53
CA THR B 212 14.13 -2.76 18.45
C THR B 212 13.26 -1.69 17.79
N LEU B 213 13.92 -0.78 17.08
CA LEU B 213 13.24 0.27 16.34
C LEU B 213 13.74 0.29 14.89
N TYR B 214 12.79 0.26 13.96
CA TYR B 214 13.10 0.39 12.55
C TYR B 214 12.53 1.71 12.04
N THR B 215 13.32 2.40 11.22
CA THR B 215 12.94 3.72 10.71
C THR B 215 13.08 3.74 9.20
N LYS B 216 12.24 4.53 8.53
CA LYS B 216 12.27 4.60 7.07
C LYS B 216 13.63 5.00 6.53
N LYS B 217 14.07 4.31 5.48
CA LYS B 217 15.33 4.67 4.83
C LYS B 217 15.18 6.04 4.17
N LEU B 218 16.31 6.72 3.98
CA LEU B 218 16.35 7.98 3.23
C LEU B 218 15.74 7.78 1.84
N GLU B 219 15.00 8.77 1.35
CA GLU B 219 14.43 8.73 0.01
C GLU B 219 15.06 9.80 -0.90
N HIS B 220 15.36 9.42 -2.13
CA HIS B 220 15.76 10.39 -3.14
C HIS B 220 14.62 11.36 -3.46
N HIS B 221 14.97 12.54 -3.97
CA HIS B 221 13.98 13.55 -4.32
C HIS B 221 13.72 13.47 -5.81
N HIS B 222 12.65 12.78 -6.18
CA HIS B 222 12.32 12.58 -7.59
C HIS B 222 11.30 13.60 -8.05
N HIS B 223 10.35 13.91 -7.18
CA HIS B 223 9.31 14.85 -7.52
C HIS B 223 8.70 15.45 -6.27
N HIS B 224 8.43 16.75 -6.34
CA HIS B 224 7.59 17.43 -5.37
C HIS B 224 6.45 18.12 -6.12
N HIS B 225 5.22 17.89 -5.70
CA HIS B 225 4.06 18.41 -6.42
C HIS B 225 4.03 19.93 -6.40
N HIS B 226 3.90 20.54 -7.57
CA HIS B 226 3.76 22.00 -7.67
C HIS B 226 2.45 22.41 -8.35
N HIS B 227 1.87 23.51 -7.89
CA HIS B 227 0.58 23.97 -8.42
C HIS B 227 0.73 24.75 -9.74
PA NDP C . -11.39 7.04 -8.10
O1A NDP C . -10.00 6.66 -7.75
O2A NDP C . -11.76 6.76 -9.50
O5B NDP C . -12.47 6.42 -7.11
C5B NDP C . -12.33 6.60 -5.70
C4B NDP C . -13.39 5.74 -5.05
O4B NDP C . -13.04 4.37 -5.16
C3B NDP C . -13.53 5.99 -3.55
O3B NDP C . -14.35 7.13 -3.31
C2B NDP C . -14.12 4.66 -3.09
O2B NDP C . -15.47 4.58 -3.50
C1B NDP C . -13.41 3.67 -3.99
N9A NDP C . -12.19 3.08 -3.38
C8A NDP C . -10.97 3.68 -3.24
N7A NDP C . -10.11 2.78 -2.70
C5A NDP C . -10.79 1.62 -2.50
C6A NDP C . -10.40 0.38 -2.02
N6A NDP C . -9.15 0.19 -1.59
N1A NDP C . -11.31 -0.64 -1.96
C2A NDP C . -12.62 -0.44 -2.38
N3A NDP C . -12.98 0.80 -2.86
C4A NDP C . -12.09 1.81 -2.93
O3 NDP C . -11.58 8.61 -7.77
PN NDP C . -10.64 9.88 -7.93
O1N NDP C . -11.54 11.02 -7.68
O2N NDP C . -9.43 9.67 -7.10
O5D NDP C . -10.21 9.84 -9.46
C5D NDP C . -11.12 10.20 -10.50
C4D NDP C . -10.43 11.22 -11.37
O4D NDP C . -9.36 10.55 -12.03
C3D NDP C . -11.35 11.78 -12.46
O3D NDP C . -11.04 13.16 -12.68
C2D NDP C . -10.95 10.99 -13.69
O2D NDP C . -11.12 11.74 -14.87
C1D NDP C . -9.47 10.74 -13.42
N1N NDP C . -8.95 9.59 -14.20
C2N NDP C . -7.92 9.82 -15.06
C3N NDP C . -7.40 8.81 -15.86
C7N NDP C . -6.28 9.15 -16.81
O7N NDP C . -5.50 8.14 -17.37
N7N NDP C . -6.05 10.43 -17.08
C4N NDP C . -7.93 7.52 -15.75
C5N NDP C . -8.98 7.28 -14.86
C6N NDP C . -9.51 8.33 -14.09
P2B NDP C . -16.69 4.90 -2.50
O1X NDP C . -16.68 6.38 -2.21
O2X NDP C . -17.99 4.49 -3.16
O3X NDP C . -16.52 4.11 -1.24
N1 QLZ D . -5.17 5.13 -19.32
C2 QLZ D . -4.94 5.86 -20.40
N3 QLZ D . -5.96 6.54 -21.01
C4 QLZ D . -7.21 6.47 -20.57
C5 QLZ D . -7.45 5.71 -19.43
C6 QLZ D . -6.40 5.05 -18.80
CAA QLZ D . -10.30 7.29 -22.81
CAB QLZ D . -13.47 4.64 -22.24
CAC QLZ D . -12.39 9.27 -16.90
NAD QLZ D . -3.72 5.90 -20.90
NAE QLZ D . -6.61 4.33 -17.69
CAF QLZ D . -9.85 5.45 -18.48
CAG QLZ D . -8.76 5.58 -18.92
CAH QLZ D . -13.92 7.69 -20.30
CAI QLZ D . -13.40 8.21 -19.12
CAJ QLZ D . -12.66 5.65 -19.98
CAK QLZ D . -9.06 6.51 -22.35
CAL QLZ D . -11.19 5.33 -17.96
CAM QLZ D . -8.29 7.32 -21.32
OAP QLZ D . -14.10 5.92 -21.90
OAQ QLZ D . -11.96 7.92 -17.21
CAT QLZ D . -13.56 6.41 -20.74
CAU QLZ D . -12.14 6.17 -18.78
CAW QLZ D . -12.51 7.44 -18.36
MG MG E . -7.97 -2.53 -0.17
MG MG F . -21.85 -5.54 -4.06
PA NDP G . -6.28 -8.82 11.33
O1A NDP G . -5.23 -8.15 10.53
O2A NDP G . -6.16 -8.57 12.78
O5B NDP G . -7.75 -8.46 10.83
C5B NDP G . -8.05 -8.61 9.46
C4B NDP G . -9.40 -8.00 9.21
O4B NDP G . -9.30 -6.59 9.23
C3B NDP G . -9.98 -8.37 7.85
O3B NDP G . -10.61 -9.63 7.91
C2B NDP G . -10.94 -7.21 7.65
O2B NDP G . -12.06 -7.39 8.51
C1B NDP G . -10.20 -6.05 8.26
N9A NDP G . -9.40 -5.28 7.28
C8A NDP G . -8.22 -5.67 6.69
N7A NDP G . -7.78 -4.65 5.91
C5A NDP G . -8.66 -3.61 6.03
C6A NDP G . -8.68 -2.34 5.49
N6A NDP G . -7.74 -1.93 4.62
N1A NDP G . -9.73 -1.51 5.79
C2A NDP G . -10.73 -1.90 6.65
N3A NDP G . -10.70 -3.17 7.19
C4A NDP G . -9.68 -4.00 6.88
O3 NDP G . -6.24 -10.40 10.99
PN NDP G . -5.08 -11.46 10.79
O1N NDP G . -5.75 -12.79 10.85
O2N NDP G . -4.29 -11.10 9.60
O5D NDP G . -4.13 -11.32 12.07
C5D NDP G . -4.54 -11.82 13.34
C4D NDP G . -3.38 -12.62 13.90
O4D NDP G . -2.28 -11.75 14.15
C3D NDP G . -3.75 -13.29 15.22
O3D NDP G . -3.14 -14.58 15.24
C2D NDP G . -3.08 -12.41 16.26
O2D NDP G . -2.68 -13.16 17.39
C1D NDP G . -1.87 -11.88 15.50
N1N NDP G . -1.36 -10.62 16.09
C2N NDP G . -0.08 -10.61 16.58
C3N NDP G . 0.45 -9.48 17.18
C7N NDP G . 1.89 -9.53 17.67
O7N NDP G . 2.57 -8.36 17.92
N7N NDP G . 2.52 -10.71 17.78
C4N NDP G . -0.33 -8.33 17.32
C5N NDP G . -1.63 -8.33 16.78
C6N NDP G . -2.15 -9.49 16.19
P2B NDP G . -13.46 -7.96 8.00
O1X NDP G . -13.26 -9.42 7.62
O2X NDP G . -14.48 -7.82 9.10
O3X NDP G . -13.92 -7.14 6.83
N1 QLZ H . 3.01 -5.39 19.70
C2 QLZ H . 3.72 -6.04 20.63
N3 QLZ H . 3.13 -6.88 21.51
C4 QLZ H . 1.81 -7.09 21.50
C5 QLZ H . 1.06 -6.41 20.55
C6 QLZ H . 1.69 -5.55 19.64
CAA QLZ H . -0.30 -8.36 24.47
CAB QLZ H . -3.61 -6.41 25.23
CAC QLZ H . -3.37 -11.04 19.85
NAD QLZ H . 5.02 -5.82 20.71
NAE QLZ H . 0.98 -4.94 18.70
CAF QLZ H . -1.51 -6.70 20.45
CAG QLZ H . -0.34 -6.58 20.51
CAH QLZ H . -4.11 -9.59 23.55
CAI QLZ H . -3.96 -10.06 22.25
CAJ QLZ H . -3.48 -7.37 22.83
CAK QLZ H . 0.72 -7.44 23.78
CAL QLZ H . -2.94 -6.88 20.42
CAM QLZ H . 1.25 -8.11 22.52
OAP QLZ H . -4.03 -7.79 25.13
OAQ QLZ H . -3.41 -9.60 19.95
CAT QLZ H . -3.87 -8.24 23.84
CAU QLZ H . -3.35 -7.85 21.51
CAW QLZ H . -3.57 -9.18 21.24
MG MG I . -19.72 1.33 11.68
#